data_2UYT
#
_entry.id   2UYT
#
_cell.length_a   51.043
_cell.length_b   51.093
_cell.length_c   158.850
_cell.angle_alpha   90.00
_cell.angle_beta   90.00
_cell.angle_gamma   90.00
#
_symmetry.space_group_name_H-M   'P 21 21 21'
#
loop_
_entity.id
_entity.type
_entity.pdbx_description
1 polymer RHAMNULOKINASE
2 non-polymer 6-deoxy-beta-L-fructofuranose
3 non-polymer "ADENOSINE-5'-DIPHOSPHATE"
4 water water
#
_entity_poly.entity_id   1
_entity_poly.type   'polypeptide(L)'
_entity_poly.pdbx_seq_one_letter_code
;MTFRNCVAVDLGASSGRVMLARYERECRSLTLREIHRFNNGLHSQNGYVTWDVDSLESAIRLGLNKVCAAGIAIDSIGID
TWGVDFVLLDQQGQRVGLPVAYRDSRTNGLMAQAQQQLGKRDIYQRSGIQFLPFNTLYQLRALTEQQPELIPHIAHALLM
PDYFSYRLTGKMNWEYTNATTTQLVNINSDDWDESLLAWSGANKAWFGRPTHPGNVIGHWICPQGNEIPVVAVASHDTAS
AVIASPLNGSRAAYLSSGTWSLMGFESQTPFTNDTALAANITNEGGAEGRYRVLKNIMGLWLLQRVLQERQINDLPALIA
ATQALPACRFIINPNDDRFINPDEMCSEIQAACREMAQPIPESDAELARCIFDSLALLYADVLHELAQLRGEDFSQLHIV
GGGCQNTLLNQLCADACGIRVIAGPVEASTLGNIGIQLMTLDELNNVDDFRQVVSTTANLTTFTPNPDSEIAHYVALIHS
TRQTKELCA
;
_entity_poly.pdbx_strand_id   A
#
loop_
_chem_comp.id
_chem_comp.type
_chem_comp.name
_chem_comp.formula
ADP non-polymer ADENOSINE-5'-DIPHOSPHATE 'C10 H15 N5 O10 P2'
LRH L-saccharide, beta linking 6-deoxy-beta-L-fructofuranose 'C6 H12 O5'
#
# COMPACT_ATOMS: atom_id res chain seq x y z
N THR A 2 -12.11 -30.69 6.06
CA THR A 2 -11.11 -30.46 4.98
C THR A 2 -11.15 -29.03 4.46
N PHE A 3 -12.20 -28.29 4.83
CA PHE A 3 -12.17 -26.85 4.63
C PHE A 3 -11.20 -26.26 5.64
N ARG A 4 -10.44 -25.25 5.21
CA ARG A 4 -9.47 -24.61 6.09
C ARG A 4 -10.02 -23.27 6.55
N ASN A 5 -9.71 -22.92 7.80
CA ASN A 5 -10.09 -21.63 8.38
C ASN A 5 -8.83 -20.79 8.59
N CYS A 6 -8.67 -19.75 7.78
CA CYS A 6 -7.45 -18.92 7.84
C CYS A 6 -7.79 -17.48 8.23
N VAL A 7 -7.00 -16.91 9.15
CA VAL A 7 -7.27 -15.55 9.60
C VAL A 7 -6.26 -14.58 8.99
N ALA A 8 -6.75 -13.53 8.34
CA ALA A 8 -5.88 -12.48 7.82
C ALA A 8 -6.05 -11.22 8.62
N VAL A 9 -4.93 -10.63 9.03
CA VAL A 9 -4.92 -9.29 9.61
C VAL A 9 -4.37 -8.34 8.55
N ASP A 10 -5.16 -7.34 8.18
CA ASP A 10 -4.76 -6.36 7.16
C ASP A 10 -4.88 -4.99 7.78
N LEU A 11 -3.73 -4.38 8.04
CA LEU A 11 -3.70 -3.02 8.59
C LEU A 11 -3.33 -2.01 7.52
N GLY A 12 -4.27 -1.11 7.21
CA GLY A 12 -3.99 0.00 6.30
C GLY A 12 -3.84 1.27 7.10
N ALA A 13 -3.45 2.36 6.44
CA ALA A 13 -3.33 3.66 7.10
C ALA A 13 -4.66 4.17 7.62
N SER A 14 -5.76 3.81 6.96
CA SER A 14 -7.08 4.35 7.37
C SER A 14 -7.92 3.41 8.22
N SER A 15 -7.59 2.12 8.21
CA SER A 15 -8.32 1.13 8.99
CA SER A 15 -8.28 1.16 9.07
C SER A 15 -7.56 -0.18 9.13
N GLY A 16 -7.85 -0.94 10.18
CA GLY A 16 -7.36 -2.30 10.31
C GLY A 16 -8.53 -3.26 10.30
N ARG A 17 -8.27 -4.50 9.91
CA ARG A 17 -9.30 -5.51 9.81
C ARG A 17 -8.75 -6.90 10.14
N VAL A 18 -9.52 -7.68 10.91
CA VAL A 18 -9.24 -9.09 11.12
C VAL A 18 -10.35 -9.85 10.43
N MET A 19 -9.97 -10.67 9.46
CA MET A 19 -10.95 -11.36 8.64
C MET A 19 -10.71 -12.86 8.68
N LEU A 20 -11.78 -13.63 8.50
CA LEU A 20 -11.69 -15.09 8.49
C LEU A 20 -12.10 -15.60 7.12
N ALA A 21 -11.22 -16.37 6.46
CA ALA A 21 -11.52 -17.08 5.23
C ALA A 21 -11.82 -18.55 5.48
N ARG A 22 -12.76 -19.07 4.71
CA ARG A 22 -13.02 -20.51 4.70
C ARG A 22 -12.75 -21.00 3.27
N TYR A 23 -11.85 -21.96 3.16
CA TYR A 23 -11.46 -22.42 1.84
C TYR A 23 -11.53 -23.92 1.78
N GLU A 24 -12.12 -24.43 0.70
CA GLU A 24 -11.84 -25.83 0.43
C GLU A 24 -11.57 -26.12 -1.03
N ARG A 25 -10.40 -26.71 -1.23
CA ARG A 25 -9.82 -26.95 -2.53
C ARG A 25 -10.76 -27.65 -3.53
N GLU A 26 -11.39 -28.74 -3.11
CA GLU A 26 -12.26 -29.53 -4.00
C GLU A 26 -13.46 -28.75 -4.51
N CYS A 27 -13.87 -27.75 -3.74
CA CYS A 27 -15.04 -26.95 -4.04
CA CYS A 27 -15.05 -26.95 -4.03
C CYS A 27 -14.67 -25.68 -4.79
N ARG A 28 -13.39 -25.34 -4.78
CA ARG A 28 -12.90 -24.06 -5.32
C ARG A 28 -13.67 -22.91 -4.64
N SER A 29 -14.15 -23.17 -3.42
CA SER A 29 -14.94 -22.19 -2.69
C SER A 29 -14.06 -21.41 -1.74
N LEU A 30 -14.18 -20.09 -1.83
CA LEU A 30 -13.43 -19.21 -0.97
C LEU A 30 -14.39 -18.18 -0.43
N THR A 31 -14.59 -18.17 0.89
CA THR A 31 -15.45 -17.13 1.50
C THR A 31 -14.66 -16.32 2.50
N LEU A 32 -15.08 -15.07 2.69
CA LEU A 32 -14.40 -14.13 3.58
C LEU A 32 -15.42 -13.42 4.45
N ARG A 33 -15.24 -13.48 5.77
CA ARG A 33 -16.09 -12.83 6.77
C ARG A 33 -15.25 -11.87 7.59
N GLU A 34 -15.79 -10.70 7.87
CA GLU A 34 -15.15 -9.76 8.76
C GLU A 34 -15.39 -10.17 10.22
N ILE A 35 -14.31 -10.21 11.00
CA ILE A 35 -14.42 -10.53 12.41
C ILE A 35 -14.38 -9.25 13.26
N HIS A 36 -13.41 -8.39 12.97
CA HIS A 36 -13.21 -7.13 13.70
C HIS A 36 -12.60 -6.08 12.79
N ARG A 37 -13.31 -4.96 12.64
CA ARG A 37 -12.80 -3.79 11.91
C ARG A 37 -12.56 -2.70 12.94
N PHE A 38 -11.46 -1.98 12.80
CA PHE A 38 -11.10 -0.91 13.75
C PHE A 38 -10.38 0.26 13.09
N ASN A 39 -10.53 1.45 13.67
CA ASN A 39 -9.87 2.61 13.11
C ASN A 39 -8.36 2.54 13.21
N ASN A 40 -7.70 3.14 12.22
CA ASN A 40 -6.28 3.42 12.27
C ASN A 40 -6.16 4.74 11.54
N GLY A 41 -5.08 5.43 11.82
CA GLY A 41 -4.92 6.80 11.43
C GLY A 41 -3.77 7.34 12.23
N LEU A 42 -3.38 8.54 11.84
CA LEU A 42 -2.24 9.18 12.44
C LEU A 42 -2.62 9.74 13.80
N HIS A 43 -1.64 9.75 14.70
CA HIS A 43 -1.81 10.40 15.99
C HIS A 43 -0.72 11.42 16.18
N SER A 44 -1.12 12.59 16.70
CA SER A 44 -0.14 13.56 17.16
C SER A 44 0.25 13.16 18.57
N GLN A 45 1.55 12.91 18.75
CA GLN A 45 2.09 12.45 20.02
C GLN A 45 3.43 13.09 20.29
N ASN A 46 3.47 13.98 21.29
CA ASN A 46 4.68 14.73 21.67
C ASN A 46 5.36 15.46 20.51
N GLY A 47 4.57 16.07 19.63
CA GLY A 47 5.10 16.84 18.50
C GLY A 47 5.50 16.02 17.28
N TYR A 48 5.21 14.72 17.31
CA TYR A 48 5.43 13.81 16.19
C TYR A 48 4.12 13.24 15.70
N VAL A 49 4.16 12.70 14.50
CA VAL A 49 3.04 11.98 13.91
C VAL A 49 3.38 10.49 14.05
N THR A 50 2.54 9.76 14.78
CA THR A 50 2.84 8.37 15.16
C THR A 50 1.66 7.42 14.94
N TRP A 51 1.93 6.12 15.07
CA TRP A 51 0.88 5.08 15.09
C TRP A 51 0.66 4.64 16.52
N ASP A 52 -0.58 4.32 16.88
CA ASP A 52 -0.84 3.77 18.20
C ASP A 52 -0.73 2.26 18.10
N VAL A 53 0.50 1.76 18.13
CA VAL A 53 0.72 0.32 17.89
C VAL A 53 0.09 -0.54 18.99
N ASP A 54 0.04 -0.05 20.24
CA ASP A 54 -0.53 -0.82 21.34
C ASP A 54 -2.03 -1.04 21.13
N SER A 55 -2.73 -0.03 20.64
CA SER A 55 -4.16 -0.20 20.35
C SER A 55 -4.37 -1.13 19.16
N LEU A 56 -3.50 -1.04 18.16
CA LEU A 56 -3.57 -1.96 17.01
C LEU A 56 -3.32 -3.38 17.47
N GLU A 57 -2.31 -3.59 18.31
CA GLU A 57 -2.05 -4.93 18.82
C GLU A 57 -3.24 -5.53 19.61
N SER A 58 -3.85 -4.71 20.48
CA SER A 58 -5.01 -5.15 21.25
CA SER A 58 -5.03 -5.15 21.25
C SER A 58 -6.20 -5.47 20.33
N ALA A 59 -6.42 -4.62 19.33
CA ALA A 59 -7.48 -4.86 18.32
C ALA A 59 -7.29 -6.18 17.56
N ILE A 60 -6.04 -6.48 17.20
CA ILE A 60 -5.70 -7.73 16.50
C ILE A 60 -6.03 -8.92 17.43
N ARG A 61 -5.57 -8.84 18.68
CA ARG A 61 -5.83 -9.88 19.66
C ARG A 61 -7.32 -10.08 19.92
N LEU A 62 -8.05 -8.96 20.02
CA LEU A 62 -9.50 -9.03 20.18
C LEU A 62 -10.14 -9.86 19.05
N GLY A 63 -9.75 -9.57 17.81
CA GLY A 63 -10.27 -10.33 16.67
C GLY A 63 -9.88 -11.80 16.69
N LEU A 64 -8.60 -12.08 16.96
CA LEU A 64 -8.14 -13.47 17.07
C LEU A 64 -8.90 -14.24 18.15
N ASN A 65 -9.06 -13.59 19.30
CA ASN A 65 -9.75 -14.20 20.45
C ASN A 65 -11.24 -14.42 20.21
N LYS A 66 -11.85 -13.55 19.40
CA LYS A 66 -13.23 -13.78 18.91
C LYS A 66 -13.38 -15.09 18.12
N VAL A 67 -12.47 -15.33 17.17
CA VAL A 67 -12.48 -16.57 16.39
C VAL A 67 -12.27 -17.78 17.32
N CYS A 68 -11.30 -17.66 18.23
CA CYS A 68 -11.02 -18.72 19.22
C CYS A 68 -12.24 -19.08 20.07
N ALA A 69 -12.87 -18.05 20.63
CA ALA A 69 -14.01 -18.23 21.53
C ALA A 69 -15.23 -18.82 20.81
N ALA A 70 -15.32 -18.59 19.50
CA ALA A 70 -16.38 -19.21 18.70
C ALA A 70 -16.15 -20.71 18.50
N GLY A 71 -14.99 -21.19 18.91
CA GLY A 71 -14.64 -22.60 18.78
C GLY A 71 -14.26 -23.04 17.38
N ILE A 72 -13.80 -22.11 16.55
CA ILE A 72 -13.36 -22.42 15.17
C ILE A 72 -11.92 -22.95 15.19
N ALA A 73 -11.67 -24.00 14.41
CA ALA A 73 -10.34 -24.59 14.30
C ALA A 73 -9.51 -23.70 13.39
N ILE A 74 -8.65 -22.86 13.96
CA ILE A 74 -7.83 -21.97 13.13
C ILE A 74 -6.62 -22.69 12.57
N ASP A 75 -6.50 -22.68 11.25
CA ASP A 75 -5.40 -23.40 10.61
C ASP A 75 -4.16 -22.54 10.47
N SER A 76 -4.35 -21.23 10.35
CA SER A 76 -3.22 -20.30 10.25
C SER A 76 -3.64 -18.85 10.44
N ILE A 77 -2.65 -18.02 10.74
CA ILE A 77 -2.81 -16.57 10.83
C ILE A 77 -1.74 -15.90 9.97
N GLY A 78 -2.07 -14.77 9.33
CA GLY A 78 -1.07 -14.02 8.59
C GLY A 78 -1.34 -12.54 8.67
N ILE A 79 -0.29 -11.71 8.63
CA ILE A 79 -0.42 -10.27 8.86
C ILE A 79 0.20 -9.48 7.72
N ASP A 80 -0.55 -8.53 7.16
CA ASP A 80 0.01 -7.58 6.21
C ASP A 80 -0.32 -6.18 6.70
N THR A 81 0.59 -5.24 6.39
CA THR A 81 0.37 -3.82 6.72
C THR A 81 0.92 -2.87 5.67
N TRP A 82 0.64 -1.59 5.84
CA TRP A 82 1.25 -0.56 5.01
C TRP A 82 2.80 -0.69 5.13
N GLY A 83 3.47 -0.31 4.04
CA GLY A 83 4.92 -0.48 3.95
C GLY A 83 5.72 0.54 4.71
N VAL A 84 7.05 0.43 4.56
CA VAL A 84 8.05 1.46 4.96
C VAL A 84 8.31 1.61 6.48
N ASP A 85 7.25 1.65 7.27
CA ASP A 85 7.38 1.95 8.70
C ASP A 85 7.85 0.77 9.55
N PHE A 86 8.47 1.10 10.68
CA PHE A 86 9.11 0.08 11.53
C PHE A 86 8.95 0.38 13.01
N VAL A 87 9.26 -0.61 13.83
CA VAL A 87 9.34 -0.45 15.27
C VAL A 87 10.75 -0.88 15.73
N LEU A 88 11.39 -0.06 16.55
CA LEU A 88 12.69 -0.40 17.14
C LEU A 88 12.50 -1.13 18.46
N LEU A 89 13.31 -2.16 18.71
CA LEU A 89 13.20 -3.00 19.91
C LEU A 89 14.53 -3.10 20.65
N ASP A 90 14.47 -3.09 21.98
CA ASP A 90 15.68 -3.29 22.79
C ASP A 90 15.93 -4.78 22.98
N GLN A 91 17.01 -5.13 23.67
CA GLN A 91 17.37 -6.55 23.82
C GLN A 91 16.28 -7.44 24.45
N GLN A 92 15.34 -6.84 25.17
CA GLN A 92 14.26 -7.61 25.79
C GLN A 92 12.92 -7.46 25.09
N GLY A 93 12.95 -6.82 23.92
CA GLY A 93 11.78 -6.70 23.05
C GLY A 93 10.84 -5.54 23.38
N GLN A 94 11.30 -4.64 24.24
CA GLN A 94 10.53 -3.43 24.53
C GLN A 94 10.83 -2.36 23.48
N ARG A 95 9.83 -1.56 23.15
CA ARG A 95 9.97 -0.51 22.15
C ARG A 95 10.96 0.58 22.55
N VAL A 96 11.73 1.03 21.55
CA VAL A 96 12.69 2.12 21.72
C VAL A 96 12.16 3.30 20.92
N GLY A 97 12.04 4.44 21.58
CA GLY A 97 11.50 5.64 20.95
C GLY A 97 10.02 5.50 20.62
N LEU A 98 9.51 6.42 19.81
CA LEU A 98 8.11 6.41 19.36
C LEU A 98 7.94 5.66 18.04
N PRO A 99 6.73 5.11 17.78
CA PRO A 99 6.47 4.49 16.48
C PRO A 99 6.08 5.54 15.46
N VAL A 100 7.08 6.26 14.99
CA VAL A 100 6.86 7.38 14.10
C VAL A 100 6.34 6.89 12.73
N ALA A 101 5.36 7.62 12.21
CA ALA A 101 4.66 7.30 10.98
C ALA A 101 5.38 7.89 9.76
N TYR A 102 5.20 7.31 8.58
CA TYR A 102 5.82 7.85 7.38
C TYR A 102 5.38 9.27 7.01
N ARG A 103 4.23 9.71 7.54
CA ARG A 103 3.73 11.08 7.31
C ARG A 103 4.45 12.16 8.12
N ASP A 104 5.32 11.75 9.05
CA ASP A 104 6.06 12.68 9.89
C ASP A 104 7.09 13.45 9.09
N SER A 105 7.34 14.68 9.50
CA SER A 105 8.23 15.54 8.74
C SER A 105 9.72 15.44 9.14
N ARG A 106 10.06 14.51 10.05
CA ARG A 106 11.47 14.36 10.50
C ARG A 106 12.43 14.12 9.34
N THR A 107 11.92 13.52 8.28
CA THR A 107 12.74 13.17 7.13
C THR A 107 12.99 14.32 6.14
N ASN A 108 12.30 15.46 6.32
CA ASN A 108 12.39 16.53 5.33
C ASN A 108 13.85 16.91 4.99
N GLY A 109 14.18 16.89 3.70
CA GLY A 109 15.50 17.27 3.21
C GLY A 109 16.48 16.13 3.13
N LEU A 110 16.16 14.99 3.75
CA LEU A 110 17.15 13.92 3.84
C LEU A 110 17.32 13.11 2.57
N MET A 111 16.23 12.92 1.82
CA MET A 111 16.30 12.25 0.52
C MET A 111 17.21 13.01 -0.45
N ALA A 112 17.06 14.33 -0.51
CA ALA A 112 17.95 15.14 -1.34
C ALA A 112 19.40 15.00 -0.87
N GLN A 113 19.61 14.96 0.46
CA GLN A 113 20.95 14.82 1.03
C GLN A 113 21.59 13.50 0.60
N ALA A 114 20.84 12.41 0.71
CA ALA A 114 21.29 11.10 0.22
C ALA A 114 21.67 11.12 -1.26
N GLN A 115 20.83 11.75 -2.08
CA GLN A 115 21.14 11.85 -3.51
C GLN A 115 22.45 12.62 -3.75
N GLN A 116 22.63 13.72 -3.02
CA GLN A 116 23.84 14.53 -3.10
C GLN A 116 25.10 13.81 -2.63
N GLN A 117 24.99 13.02 -1.56
CA GLN A 117 26.16 12.34 -1.00
C GLN A 117 26.47 11.01 -1.67
N LEU A 118 25.44 10.24 -1.98
CA LEU A 118 25.63 8.90 -2.55
C LEU A 118 25.52 8.87 -4.07
N GLY A 119 24.76 9.81 -4.62
CA GLY A 119 24.39 9.76 -6.04
C GLY A 119 22.99 9.20 -6.22
N LYS A 120 22.15 9.93 -6.93
CA LYS A 120 20.77 9.51 -7.23
C LYS A 120 20.77 8.19 -8.00
N ARG A 121 21.63 8.11 -9.02
CA ARG A 121 21.73 6.92 -9.85
C ARG A 121 22.27 5.73 -9.05
N ASP A 122 23.28 5.97 -8.21
CA ASP A 122 23.80 4.93 -7.33
C ASP A 122 22.69 4.31 -6.46
N ILE A 123 21.93 5.14 -5.75
CA ILE A 123 20.83 4.65 -4.90
C ILE A 123 19.83 3.84 -5.72
N TYR A 124 19.45 4.40 -6.87
CA TYR A 124 18.47 3.76 -7.74
C TYR A 124 18.95 2.44 -8.33
N GLN A 125 20.21 2.36 -8.75
CA GLN A 125 20.76 1.12 -9.32
C GLN A 125 20.88 0.02 -8.28
N ARG A 126 21.22 0.43 -7.05
CA ARG A 126 21.37 -0.52 -5.96
C ARG A 126 20.01 -1.09 -5.54
N SER A 127 19.03 -0.20 -5.41
CA SER A 127 17.72 -0.58 -4.83
C SER A 127 16.60 -0.86 -5.84
N GLY A 128 16.62 -0.18 -6.98
CA GLY A 128 15.51 -0.22 -7.93
C GLY A 128 14.20 0.32 -7.37
N ILE A 129 14.31 1.14 -6.31
CA ILE A 129 13.14 1.64 -5.58
C ILE A 129 12.94 3.14 -5.85
N GLN A 130 11.68 3.52 -6.06
CA GLN A 130 11.31 4.92 -6.32
C GLN A 130 11.75 5.81 -5.19
N PHE A 131 12.08 7.06 -5.53
CA PHE A 131 12.40 8.04 -4.52
C PHE A 131 11.13 8.61 -3.88
N LEU A 132 10.89 8.21 -2.62
CA LEU A 132 9.84 8.81 -1.80
C LEU A 132 10.56 9.37 -0.58
N PRO A 133 10.25 10.63 -0.22
CA PRO A 133 11.03 11.29 0.83
C PRO A 133 10.92 10.62 2.21
N PHE A 134 9.88 9.78 2.39
CA PHE A 134 9.66 9.05 3.64
C PHE A 134 10.09 7.59 3.57
N ASN A 135 10.82 7.18 2.51
CA ASN A 135 11.38 5.81 2.49
C ASN A 135 12.16 5.54 3.78
N THR A 136 12.16 4.29 4.22
CA THR A 136 12.84 3.86 5.45
C THR A 136 14.31 4.31 5.50
N LEU A 137 14.99 4.24 4.34
CA LEU A 137 16.35 4.77 4.20
C LEU A 137 16.50 6.14 4.88
N TYR A 138 15.54 7.04 4.62
CA TYR A 138 15.61 8.41 5.12
C TYR A 138 15.10 8.53 6.56
N GLN A 139 14.15 7.67 6.93
CA GLN A 139 13.64 7.62 8.30
C GLN A 139 14.74 7.23 9.28
N LEU A 140 15.51 6.22 8.94
CA LEU A 140 16.61 5.76 9.79
C LEU A 140 17.70 6.80 9.89
N ARG A 141 17.97 7.51 8.79
CA ARG A 141 18.88 8.68 8.83
C ARG A 141 18.37 9.71 9.82
N ALA A 142 17.07 10.04 9.76
CA ALA A 142 16.48 10.99 10.68
C ALA A 142 16.66 10.52 12.13
N LEU A 143 16.35 9.25 12.38
CA LEU A 143 16.40 8.67 13.72
C LEU A 143 17.81 8.73 14.31
N THR A 144 18.79 8.25 13.54
CA THR A 144 20.16 8.19 14.04
C THR A 144 20.81 9.57 14.19
N GLU A 145 20.39 10.53 13.35
CA GLU A 145 20.90 11.91 13.39
CA GLU A 145 20.93 11.88 13.43
C GLU A 145 20.29 12.69 14.55
N GLN A 146 18.98 12.57 14.69
CA GLN A 146 18.18 13.39 15.61
C GLN A 146 18.00 12.79 17.00
N GLN A 147 18.15 11.47 17.10
CA GLN A 147 17.97 10.77 18.36
C GLN A 147 19.14 9.84 18.71
N PRO A 148 20.38 10.39 18.73
CA PRO A 148 21.57 9.56 18.94
C PRO A 148 21.57 8.79 20.26
N GLU A 149 20.91 9.34 21.28
CA GLU A 149 20.84 8.71 22.59
C GLU A 149 20.03 7.40 22.61
N LEU A 150 19.13 7.22 21.65
CA LEU A 150 18.38 5.97 21.55
C LEU A 150 19.21 4.83 20.97
N ILE A 151 20.22 5.17 20.18
CA ILE A 151 20.95 4.19 19.36
C ILE A 151 21.53 2.97 20.10
N PRO A 152 22.26 3.20 21.21
CA PRO A 152 22.84 2.05 21.92
C PRO A 152 21.81 1.05 22.44
N HIS A 153 20.58 1.52 22.59
CA HIS A 153 19.51 0.70 23.14
C HIS A 153 18.88 -0.24 22.13
N ILE A 154 19.10 0.03 20.85
CA ILE A 154 18.43 -0.72 19.77
C ILE A 154 19.10 -2.07 19.51
N ALA A 155 18.33 -3.14 19.65
CA ALA A 155 18.79 -4.49 19.32
C ALA A 155 18.28 -4.95 17.95
N HIS A 156 17.06 -4.57 17.63
CA HIS A 156 16.40 -5.00 16.38
C HIS A 156 15.45 -3.92 15.88
N ALA A 157 15.31 -3.85 14.55
CA ALA A 157 14.27 -3.05 13.90
C ALA A 157 13.37 -4.03 13.14
N LEU A 158 12.06 -3.97 13.42
CA LEU A 158 11.10 -4.82 12.69
C LEU A 158 10.15 -3.97 11.87
N LEU A 159 9.98 -4.31 10.60
CA LEU A 159 8.95 -3.63 9.80
C LEU A 159 7.60 -3.99 10.41
N MET A 160 6.60 -3.12 10.20
CA MET A 160 5.32 -3.20 10.92
C MET A 160 4.64 -4.61 10.95
N PRO A 161 4.54 -5.31 9.81
CA PRO A 161 3.90 -6.62 9.85
C PRO A 161 4.68 -7.58 10.75
N ASP A 162 6.01 -7.58 10.59
CA ASP A 162 6.88 -8.46 11.39
C ASP A 162 6.87 -8.09 12.88
N TYR A 163 6.66 -6.81 13.17
CA TYR A 163 6.47 -6.39 14.55
C TYR A 163 5.25 -7.07 15.16
N PHE A 164 4.12 -7.04 14.47
CA PHE A 164 2.94 -7.70 15.04
C PHE A 164 3.05 -9.23 15.08
N SER A 165 3.69 -9.82 14.06
CA SER A 165 3.96 -11.26 14.08
C SER A 165 4.83 -11.62 15.29
N TYR A 166 5.76 -10.74 15.62
CA TYR A 166 6.64 -10.97 16.78
C TYR A 166 5.86 -10.90 18.10
N ARG A 167 4.96 -9.93 18.20
CA ARG A 167 4.14 -9.75 19.39
CA ARG A 167 4.15 -9.74 19.39
C ARG A 167 3.22 -10.94 19.61
N LEU A 168 2.83 -11.61 18.53
CA LEU A 168 2.04 -12.84 18.64
C LEU A 168 2.88 -14.08 18.92
N THR A 169 4.05 -14.20 18.29
CA THR A 169 4.80 -15.45 18.35
C THR A 169 6.01 -15.45 19.28
N GLY A 170 6.57 -14.27 19.53
CA GLY A 170 7.84 -14.14 20.23
C GLY A 170 9.04 -14.35 19.34
N LYS A 171 8.79 -14.52 18.05
CA LYS A 171 9.84 -14.74 17.05
C LYS A 171 9.89 -13.60 16.05
N MET A 172 11.10 -13.29 15.61
CA MET A 172 11.37 -12.20 14.70
C MET A 172 11.53 -12.70 13.28
N ASN A 173 11.12 -11.87 12.32
CA ASN A 173 11.13 -12.18 10.90
C ASN A 173 11.45 -10.93 10.12
N TRP A 174 12.10 -11.09 8.97
CA TRP A 174 12.25 -9.95 8.05
C TRP A 174 11.71 -10.33 6.68
N GLU A 175 10.44 -9.99 6.43
CA GLU A 175 9.76 -10.49 5.25
C GLU A 175 10.16 -9.69 3.99
N TYR A 176 10.51 -10.42 2.93
CA TYR A 176 11.05 -9.86 1.70
C TYR A 176 10.22 -8.78 1.03
N THR A 177 8.95 -9.07 0.73
CA THR A 177 8.17 -8.10 -0.05
C THR A 177 8.13 -6.74 0.64
N ASN A 178 7.94 -6.72 1.94
CA ASN A 178 7.97 -5.46 2.66
C ASN A 178 9.38 -4.90 2.87
N ALA A 179 10.35 -5.77 3.09
CA ALA A 179 11.74 -5.28 3.14
C ALA A 179 12.07 -4.38 1.93
N THR A 180 11.57 -4.71 0.74
CA THR A 180 11.96 -3.97 -0.48
C THR A 180 11.43 -2.51 -0.40
N THR A 181 10.37 -2.28 0.35
CA THR A 181 9.84 -0.90 0.47
C THR A 181 10.80 0.06 1.17
N THR A 182 11.81 -0.47 1.85
CA THR A 182 12.70 0.35 2.65
C THR A 182 13.66 1.22 1.84
N GLN A 183 13.91 0.87 0.58
CA GLN A 183 15.02 1.38 -0.21
C GLN A 183 16.38 1.04 0.46
N LEU A 184 16.43 -0.09 1.18
CA LEU A 184 17.66 -0.59 1.80
C LEU A 184 18.10 -1.97 1.27
N VAL A 185 17.24 -2.58 0.47
CA VAL A 185 17.54 -3.92 -0.04
C VAL A 185 18.16 -3.81 -1.42
N ASN A 186 19.30 -4.48 -1.59
CA ASN A 186 19.94 -4.54 -2.87
C ASN A 186 19.15 -5.44 -3.81
N ILE A 187 18.76 -4.88 -4.95
CA ILE A 187 17.93 -5.61 -5.93
C ILE A 187 18.60 -6.85 -6.56
N ASN A 188 19.92 -6.92 -6.49
CA ASN A 188 20.67 -8.06 -7.08
C ASN A 188 20.90 -9.21 -6.10
N SER A 189 20.82 -8.90 -4.81
CA SER A 189 21.14 -9.86 -3.75
C SER A 189 19.96 -10.27 -2.87
N ASP A 190 18.85 -9.52 -2.93
CA ASP A 190 17.71 -9.70 -2.02
C ASP A 190 18.12 -9.61 -0.55
N ASP A 191 19.24 -8.92 -0.29
CA ASP A 191 19.71 -8.73 1.07
C ASP A 191 19.99 -7.25 1.28
N TRP A 192 20.13 -6.84 2.55
CA TRP A 192 20.37 -5.44 2.90
C TRP A 192 21.65 -4.94 2.23
N ASP A 193 21.58 -3.73 1.66
CA ASP A 193 22.70 -3.11 0.98
C ASP A 193 23.56 -2.41 2.01
N GLU A 194 24.82 -2.84 2.10
CA GLU A 194 25.74 -2.34 3.11
C GLU A 194 25.98 -0.82 3.02
N SER A 195 26.07 -0.31 1.80
CA SER A 195 26.36 1.11 1.62
C SER A 195 25.16 1.97 2.01
N LEU A 196 23.96 1.47 1.73
CA LEU A 196 22.75 2.21 2.06
C LEU A 196 22.51 2.15 3.56
N LEU A 197 22.70 0.97 4.18
CA LEU A 197 22.66 0.89 5.64
C LEU A 197 23.64 1.84 6.29
N ALA A 198 24.89 1.87 5.78
CA ALA A 198 25.91 2.73 6.35
C ALA A 198 25.45 4.19 6.36
N TRP A 199 24.91 4.66 5.24
CA TRP A 199 24.48 6.05 5.14
C TRP A 199 23.34 6.34 6.10
N SER A 200 22.38 5.42 6.20
CA SER A 200 21.25 5.56 7.11
C SER A 200 21.66 5.65 8.59
N GLY A 201 22.80 5.04 8.94
CA GLY A 201 23.24 4.98 10.33
C GLY A 201 22.79 3.69 11.03
N ALA A 202 21.92 2.95 10.36
CA ALA A 202 21.45 1.69 10.88
C ALA A 202 22.51 0.60 10.79
N ASN A 203 22.36 -0.36 11.68
CA ASN A 203 23.26 -1.45 11.87
C ASN A 203 22.64 -2.70 11.24
N LYS A 204 23.41 -3.39 10.39
CA LYS A 204 22.95 -4.64 9.78
C LYS A 204 22.50 -5.68 10.81
N ALA A 205 23.10 -5.66 12.00
CA ALA A 205 22.70 -6.57 13.08
C ALA A 205 21.30 -6.33 13.64
N TRP A 206 20.70 -5.19 13.29
CA TRP A 206 19.33 -4.87 13.70
C TRP A 206 18.31 -5.66 12.89
N PHE A 207 18.78 -6.28 11.82
CA PHE A 207 17.90 -6.93 10.89
C PHE A 207 18.23 -8.42 10.79
N GLY A 208 17.63 -9.10 9.82
CA GLY A 208 17.97 -10.47 9.48
C GLY A 208 17.89 -10.58 7.98
N ARG A 209 18.48 -11.61 7.40
CA ARG A 209 18.34 -11.83 5.96
C ARG A 209 16.85 -11.89 5.59
N PRO A 210 16.42 -11.09 4.59
CA PRO A 210 15.03 -11.13 4.17
C PRO A 210 14.62 -12.52 3.68
N THR A 211 13.41 -12.92 4.07
CA THR A 211 12.91 -14.26 3.79
C THR A 211 11.64 -14.13 2.96
N HIS A 212 11.59 -14.90 1.88
CA HIS A 212 10.46 -14.88 0.97
C HIS A 212 9.20 -15.39 1.65
N PRO A 213 8.01 -14.96 1.17
CA PRO A 213 6.80 -15.34 1.90
C PRO A 213 6.56 -16.83 1.95
N GLY A 214 5.93 -17.29 3.03
CA GLY A 214 5.49 -18.70 3.14
C GLY A 214 6.00 -19.42 4.36
N ASN A 215 7.09 -18.93 4.92
CA ASN A 215 7.62 -19.56 6.12
C ASN A 215 6.74 -19.37 7.34
N VAL A 216 6.81 -20.35 8.24
CA VAL A 216 6.14 -20.26 9.54
C VAL A 216 7.05 -19.50 10.49
N ILE A 217 6.61 -18.28 10.86
CA ILE A 217 7.35 -17.41 11.77
C ILE A 217 7.42 -18.01 13.17
N GLY A 218 6.28 -18.46 13.66
CA GLY A 218 6.18 -19.15 14.93
C GLY A 218 4.72 -19.51 15.14
N HIS A 219 4.31 -19.57 16.40
CA HIS A 219 2.97 -19.99 16.73
C HIS A 219 2.31 -19.02 17.69
N TRP A 220 0.99 -18.91 17.56
CA TRP A 220 0.17 -18.20 18.52
C TRP A 220 -0.82 -19.18 19.15
N ILE A 221 -1.28 -18.82 20.36
CA ILE A 221 -2.05 -19.71 21.24
C ILE A 221 -3.40 -19.06 21.62
N CYS A 222 -4.50 -19.69 21.23
CA CYS A 222 -5.84 -19.31 21.74
C CYS A 222 -5.84 -19.50 23.26
N PRO A 223 -6.79 -18.86 24.00
CA PRO A 223 -6.93 -19.12 25.43
C PRO A 223 -6.97 -20.61 25.79
N GLN A 224 -7.18 -21.46 24.78
CA GLN A 224 -7.26 -22.91 24.92
C GLN A 224 -5.90 -23.57 25.18
N GLY A 225 -4.93 -23.25 24.32
CA GLY A 225 -3.61 -23.89 24.35
C GLY A 225 -3.13 -24.50 23.05
N ASN A 226 -3.99 -24.52 22.02
CA ASN A 226 -3.63 -25.14 20.74
C ASN A 226 -2.75 -24.21 19.90
N GLU A 227 -1.72 -24.79 19.27
CA GLU A 227 -0.72 -24.04 18.50
C GLU A 227 -1.18 -23.75 17.08
N ILE A 228 -1.23 -22.46 16.75
CA ILE A 228 -1.65 -22.00 15.43
C ILE A 228 -0.46 -21.32 14.73
N PRO A 229 -0.07 -21.84 13.54
CA PRO A 229 1.07 -21.24 12.87
C PRO A 229 0.76 -19.81 12.43
N VAL A 230 1.70 -18.91 12.70
CA VAL A 230 1.69 -17.58 12.13
C VAL A 230 2.64 -17.61 10.94
N VAL A 231 2.07 -17.34 9.78
CA VAL A 231 2.79 -17.45 8.51
C VAL A 231 3.27 -16.08 8.06
N ALA A 232 4.50 -15.99 7.56
CA ALA A 232 4.92 -14.76 6.85
C ALA A 232 4.25 -14.71 5.49
N VAL A 233 3.32 -13.77 5.30
CA VAL A 233 2.68 -13.64 3.98
C VAL A 233 3.44 -12.62 3.14
N ALA A 234 2.89 -12.21 2.00
CA ALA A 234 3.46 -11.07 1.28
C ALA A 234 3.05 -9.86 2.10
N SER A 235 3.89 -9.54 3.08
CA SER A 235 3.43 -8.74 4.21
C SER A 235 3.23 -7.25 3.91
N HIS A 236 3.82 -6.76 2.81
CA HIS A 236 3.49 -5.45 2.31
C HIS A 236 2.07 -5.50 1.78
N ASP A 237 1.19 -4.67 2.34
CA ASP A 237 -0.24 -4.69 1.94
C ASP A 237 -0.42 -4.64 0.40
N THR A 238 0.32 -3.77 -0.26
CA THR A 238 0.27 -3.71 -1.73
C THR A 238 0.66 -5.04 -2.43
N ALA A 239 1.65 -5.73 -1.86
CA ALA A 239 2.07 -7.03 -2.41
C ALA A 239 0.93 -8.05 -2.30
N SER A 240 0.25 -8.03 -1.15
CA SER A 240 -0.93 -8.89 -0.97
C SER A 240 -2.05 -8.53 -1.93
N ALA A 241 -2.27 -7.23 -2.15
CA ALA A 241 -3.34 -6.78 -3.04
C ALA A 241 -3.08 -7.22 -4.46
N VAL A 242 -1.82 -7.16 -4.87
CA VAL A 242 -1.46 -7.55 -6.24
C VAL A 242 -1.70 -9.06 -6.43
N ILE A 243 -1.33 -9.85 -5.43
CA ILE A 243 -1.63 -11.30 -5.45
C ILE A 243 -3.12 -11.58 -5.75
N ALA A 244 -4.01 -10.85 -5.09
CA ALA A 244 -5.45 -11.13 -5.25
C ALA A 244 -6.08 -10.44 -6.47
N SER A 245 -5.32 -9.58 -7.14
CA SER A 245 -5.81 -8.94 -8.35
C SER A 245 -5.88 -10.02 -9.42
N PRO A 246 -7.07 -10.20 -10.07
CA PRO A 246 -7.22 -11.27 -11.07
C PRO A 246 -6.61 -10.89 -12.44
N LEU A 247 -5.30 -10.72 -12.43
CA LEU A 247 -4.52 -10.36 -13.60
CA LEU A 247 -4.51 -10.36 -13.60
C LEU A 247 -4.54 -11.48 -14.63
N ASN A 248 -4.74 -11.09 -15.87
CA ASN A 248 -4.84 -12.03 -16.97
C ASN A 248 -3.71 -11.84 -17.98
N GLY A 249 -2.53 -12.35 -17.66
CA GLY A 249 -1.40 -12.31 -18.59
C GLY A 249 -0.69 -10.97 -18.69
N SER A 250 0.28 -10.88 -19.59
CA SER A 250 1.15 -9.71 -19.72
C SER A 250 0.41 -8.37 -20.00
N ARG A 251 -0.82 -8.44 -20.47
CA ARG A 251 -1.52 -7.22 -20.89
C ARG A 251 -2.37 -6.63 -19.77
N ALA A 252 -2.24 -7.17 -18.56
CA ALA A 252 -3.02 -6.70 -17.39
C ALA A 252 -2.21 -5.78 -16.47
N ALA A 253 -2.80 -4.65 -16.12
CA ALA A 253 -2.26 -3.80 -15.06
C ALA A 253 -3.15 -3.81 -13.81
N TYR A 254 -2.58 -3.30 -12.73
CA TYR A 254 -3.35 -3.14 -11.47
C TYR A 254 -3.32 -1.71 -10.96
N LEU A 255 -4.37 -1.35 -10.22
CA LEU A 255 -4.43 -0.11 -9.47
C LEU A 255 -4.97 -0.51 -8.09
N SER A 256 -4.07 -0.57 -7.13
CA SER A 256 -4.42 -0.85 -5.76
C SER A 256 -4.81 0.46 -5.07
N SER A 257 -6.11 0.60 -4.85
CA SER A 257 -6.70 1.90 -4.48
C SER A 257 -7.20 1.94 -3.03
N GLY A 258 -6.44 2.63 -2.18
CA GLY A 258 -6.84 2.90 -0.81
C GLY A 258 -6.38 4.31 -0.48
N THR A 259 -5.80 4.44 0.71
CA THR A 259 -5.13 5.69 1.08
C THR A 259 -4.18 6.17 -0.03
N TRP A 260 -3.33 5.25 -0.51
CA TRP A 260 -2.51 5.43 -1.68
C TRP A 260 -3.15 4.75 -2.89
N SER A 261 -2.92 5.30 -4.08
CA SER A 261 -3.17 4.58 -5.33
C SER A 261 -1.86 4.02 -5.88
N LEU A 262 -1.73 2.71 -5.94
CA LEU A 262 -0.50 2.09 -6.45
C LEU A 262 -0.82 1.50 -7.81
N MET A 263 -0.30 2.13 -8.87
CA MET A 263 -0.57 1.67 -10.24
CA MET A 263 -0.56 1.73 -10.26
C MET A 263 0.67 1.02 -10.84
N GLY A 264 0.51 -0.22 -11.32
CA GLY A 264 1.68 -0.92 -11.87
C GLY A 264 1.37 -2.19 -12.62
N PHE A 265 2.42 -2.94 -12.89
CA PHE A 265 2.31 -4.25 -13.52
C PHE A 265 3.28 -5.21 -12.82
N GLU A 266 3.28 -6.48 -13.24
CA GLU A 266 4.15 -7.50 -12.67
C GLU A 266 5.21 -7.86 -13.69
N SER A 267 6.45 -8.10 -13.25
CA SER A 267 7.50 -8.48 -14.19
C SER A 267 8.44 -9.47 -13.54
N GLN A 268 8.97 -10.40 -14.34
CA GLN A 268 10.00 -11.33 -13.88
C GLN A 268 11.30 -10.61 -13.58
N THR A 269 11.51 -9.49 -14.26
CA THR A 269 12.75 -8.71 -14.18
C THR A 269 12.43 -7.27 -13.80
N PRO A 270 13.31 -6.63 -13.02
CA PRO A 270 13.16 -5.21 -12.77
C PRO A 270 13.55 -4.29 -13.95
N PHE A 271 13.10 -3.06 -13.85
CA PHE A 271 13.47 -1.98 -14.77
C PHE A 271 14.19 -0.91 -13.96
N THR A 272 15.50 -0.80 -14.14
CA THR A 272 16.28 0.22 -13.44
C THR A 272 17.03 1.12 -14.42
N ASN A 273 16.64 1.08 -15.69
CA ASN A 273 17.29 1.91 -16.71
C ASN A 273 16.96 3.39 -16.55
N ASP A 274 17.57 4.23 -17.38
CA ASP A 274 17.32 5.68 -17.31
C ASP A 274 15.86 6.09 -17.54
N THR A 275 15.11 5.30 -18.32
CA THR A 275 13.70 5.59 -18.51
C THR A 275 12.95 5.41 -17.18
N ALA A 276 13.22 4.29 -16.51
CA ALA A 276 12.61 4.02 -15.20
C ALA A 276 12.99 5.06 -14.16
N LEU A 277 14.29 5.37 -14.10
CA LEU A 277 14.79 6.41 -13.19
C LEU A 277 14.13 7.77 -13.41
N ALA A 278 14.05 8.22 -14.66
CA ALA A 278 13.41 9.49 -14.96
C ALA A 278 11.93 9.54 -14.58
N ALA A 279 11.25 8.39 -14.69
CA ALA A 279 9.83 8.30 -14.36
C ALA A 279 9.60 8.04 -12.88
N ASN A 280 10.69 7.84 -12.15
CA ASN A 280 10.65 7.48 -10.73
C ASN A 280 9.79 6.23 -10.47
N ILE A 281 10.03 5.21 -11.27
CA ILE A 281 9.28 3.97 -11.16
C ILE A 281 9.94 3.07 -10.10
N THR A 282 9.13 2.34 -9.33
CA THR A 282 9.63 1.42 -8.31
C THR A 282 9.54 -0.02 -8.79
N ASN A 283 10.42 -0.87 -8.23
CA ASN A 283 10.46 -2.32 -8.50
C ASN A 283 10.34 -3.01 -7.16
N GLU A 284 9.14 -3.01 -6.61
CA GLU A 284 8.89 -3.59 -5.30
C GLU A 284 8.88 -5.12 -5.38
N GLY A 285 9.25 -5.77 -4.29
CA GLY A 285 9.31 -7.25 -4.23
C GLY A 285 7.94 -7.87 -4.21
N GLY A 286 7.73 -8.92 -5.01
CA GLY A 286 6.46 -9.63 -4.99
C GLY A 286 6.64 -11.10 -4.65
N ALA A 287 5.52 -11.76 -4.33
CA ALA A 287 5.51 -13.21 -4.21
C ALA A 287 6.12 -13.79 -5.48
N GLU A 288 6.82 -14.92 -5.34
CA GLU A 288 7.37 -15.66 -6.49
C GLU A 288 8.52 -14.94 -7.16
N GLY A 289 8.96 -13.82 -6.56
CA GLY A 289 10.00 -12.98 -7.17
C GLY A 289 9.48 -12.11 -8.31
N ARG A 290 8.16 -12.05 -8.43
CA ARG A 290 7.51 -11.25 -9.46
C ARG A 290 7.46 -9.80 -9.02
N TYR A 291 8.37 -9.00 -9.58
CA TYR A 291 8.49 -7.57 -9.25
C TYR A 291 7.20 -6.84 -9.51
N ARG A 292 6.87 -5.94 -8.57
CA ARG A 292 5.72 -5.06 -8.73
C ARG A 292 6.26 -3.73 -9.22
N VAL A 293 6.19 -3.54 -10.54
CA VAL A 293 6.76 -2.38 -11.17
C VAL A 293 5.65 -1.34 -11.22
N LEU A 294 5.77 -0.33 -10.37
CA LEU A 294 4.64 0.55 -10.06
C LEU A 294 5.09 1.97 -9.70
N LYS A 295 4.11 2.86 -9.61
CA LYS A 295 4.39 4.18 -9.06
C LYS A 295 3.37 4.49 -7.98
N ASN A 296 3.85 5.10 -6.90
CA ASN A 296 2.93 5.64 -5.90
C ASN A 296 2.20 6.89 -6.42
N ILE A 297 0.90 6.92 -6.18
CA ILE A 297 0.08 8.07 -6.50
C ILE A 297 -0.64 8.45 -5.22
N MET A 298 -0.58 9.73 -4.86
CA MET A 298 -1.10 10.21 -3.58
C MET A 298 -2.49 9.70 -3.22
N GLY A 299 -3.36 9.58 -4.19
CA GLY A 299 -4.56 8.74 -3.99
C GLY A 299 -5.64 9.36 -3.11
N LEU A 300 -6.45 8.50 -2.50
CA LEU A 300 -7.66 8.94 -1.80
C LEU A 300 -7.39 9.55 -0.42
N TRP A 301 -6.13 9.48 0.04
CA TRP A 301 -5.64 10.34 1.12
C TRP A 301 -6.17 11.78 1.01
N LEU A 302 -6.14 12.37 -0.19
CA LEU A 302 -6.60 13.77 -0.34
C LEU A 302 -8.06 13.87 0.08
N LEU A 303 -8.87 12.88 -0.31
CA LEU A 303 -10.29 12.92 0.02
C LEU A 303 -10.54 12.62 1.50
N GLN A 304 -9.80 11.65 2.04
CA GLN A 304 -9.89 11.33 3.47
C GLN A 304 -9.75 12.60 4.29
N ARG A 305 -8.76 13.43 3.94
CA ARG A 305 -8.50 14.66 4.68
C ARG A 305 -9.63 15.69 4.52
N VAL A 306 -10.13 15.84 3.30
CA VAL A 306 -11.24 16.74 3.01
C VAL A 306 -12.46 16.35 3.82
N LEU A 307 -12.75 15.04 3.86
CA LEU A 307 -13.93 14.55 4.58
C LEU A 307 -13.86 14.95 6.04
N GLN A 308 -12.69 14.79 6.65
CA GLN A 308 -12.55 15.17 8.05
C GLN A 308 -12.66 16.69 8.23
N GLU A 309 -11.98 17.46 7.39
CA GLU A 309 -12.00 18.94 7.52
C GLU A 309 -13.38 19.56 7.33
N ARG A 310 -14.14 19.06 6.37
CA ARG A 310 -15.47 19.61 6.09
C ARG A 310 -16.59 18.84 6.80
N GLN A 311 -16.21 17.90 7.65
CA GLN A 311 -17.16 17.15 8.49
C GLN A 311 -18.24 16.46 7.66
N ILE A 312 -17.79 15.75 6.62
CA ILE A 312 -18.67 15.00 5.71
C ILE A 312 -18.72 13.53 6.17
N ASN A 313 -19.91 13.04 6.50
CA ASN A 313 -20.04 11.69 7.05
C ASN A 313 -20.75 10.68 6.13
N ASP A 314 -21.15 11.13 4.94
CA ASP A 314 -21.79 10.27 3.94
C ASP A 314 -21.02 10.32 2.62
N LEU A 315 -20.04 9.44 2.50
CA LEU A 315 -19.19 9.42 1.33
C LEU A 315 -19.97 8.99 0.07
N PRO A 316 -20.77 7.91 0.14
CA PRO A 316 -21.58 7.60 -1.05
C PRO A 316 -22.41 8.78 -1.55
N ALA A 317 -23.01 9.55 -0.66
CA ALA A 317 -23.74 10.72 -1.09
C ALA A 317 -22.84 11.77 -1.77
N LEU A 318 -21.64 11.99 -1.22
CA LEU A 318 -20.70 12.94 -1.81
C LEU A 318 -20.36 12.50 -3.23
N ILE A 319 -20.11 11.19 -3.43
CA ILE A 319 -19.74 10.70 -4.75
C ILE A 319 -20.90 10.94 -5.72
N ALA A 320 -22.12 10.63 -5.28
CA ALA A 320 -23.29 10.82 -6.12
C ALA A 320 -23.47 12.29 -6.53
N ALA A 321 -23.25 13.20 -5.59
CA ALA A 321 -23.36 14.63 -5.86
C ALA A 321 -22.27 15.05 -6.88
N THR A 322 -21.06 14.52 -6.68
CA THR A 322 -19.90 14.88 -7.49
C THR A 322 -20.10 14.46 -8.95
N GLN A 323 -20.87 13.39 -9.16
CA GLN A 323 -21.19 12.91 -10.51
C GLN A 323 -21.87 13.97 -11.38
N ALA A 324 -22.60 14.88 -10.75
CA ALA A 324 -23.38 15.92 -11.42
C ALA A 324 -22.57 17.16 -11.79
N LEU A 325 -21.34 17.26 -11.27
CA LEU A 325 -20.46 18.38 -11.57
C LEU A 325 -19.72 18.16 -12.88
N PRO A 326 -19.55 19.21 -13.70
CA PRO A 326 -18.73 19.10 -14.90
C PRO A 326 -17.29 18.74 -14.55
N ALA A 327 -16.62 18.02 -15.45
CA ALA A 327 -15.28 17.49 -15.22
C ALA A 327 -14.15 18.42 -15.68
N CYS A 328 -13.00 18.27 -15.03
CA CYS A 328 -11.72 18.87 -15.44
C CYS A 328 -11.62 20.39 -15.37
N ARG A 329 -12.47 21.01 -14.57
CA ARG A 329 -12.38 22.44 -14.32
C ARG A 329 -11.29 22.75 -13.28
N PHE A 330 -11.04 21.79 -12.38
CA PHE A 330 -10.04 21.92 -11.36
C PHE A 330 -9.06 20.78 -11.47
N ILE A 331 -7.83 21.09 -11.84
CA ILE A 331 -6.81 20.08 -12.00
C ILE A 331 -5.57 20.43 -11.19
N ILE A 332 -5.24 19.55 -10.25
CA ILE A 332 -4.02 19.64 -9.47
C ILE A 332 -3.14 18.45 -9.78
N ASN A 333 -1.88 18.50 -9.35
N ASN A 333 -1.92 18.48 -9.26
CA ASN A 333 -1.04 17.31 -9.37
CA ASN A 333 -0.99 17.37 -9.38
C ASN A 333 -1.00 16.70 -7.99
C ASN A 333 -0.91 16.66 -8.02
N PRO A 334 -1.75 15.61 -7.80
CA PRO A 334 -1.85 14.99 -6.47
C PRO A 334 -0.52 14.52 -5.90
N ASN A 335 0.44 14.23 -6.78
CA ASN A 335 1.73 13.76 -6.30
C ASN A 335 2.69 14.86 -5.84
N ASP A 336 2.28 16.11 -5.99
N ASP A 336 2.30 16.12 -6.01
CA ASP A 336 3.10 17.21 -5.47
CA ASP A 336 3.11 17.23 -5.50
C ASP A 336 3.34 16.98 -3.98
C ASP A 336 3.34 17.02 -3.99
N ASP A 337 4.59 17.18 -3.55
CA ASP A 337 4.97 16.97 -2.13
C ASP A 337 4.10 17.74 -1.13
N ARG A 338 3.57 18.88 -1.58
CA ARG A 338 2.70 19.71 -0.76
C ARG A 338 1.50 18.95 -0.21
N PHE A 339 1.14 17.82 -0.83
CA PHE A 339 -0.03 17.08 -0.41
C PHE A 339 0.27 15.93 0.53
N ILE A 340 1.53 15.72 0.88
CA ILE A 340 1.89 14.56 1.71
C ILE A 340 1.22 14.70 3.09
N ASN A 341 1.39 15.84 3.77
CA ASN A 341 0.70 16.04 5.03
C ASN A 341 0.51 17.51 5.39
N PRO A 342 -0.21 18.27 4.55
CA PRO A 342 -0.45 19.69 4.90
C PRO A 342 -1.36 19.79 6.11
N ASP A 343 -1.25 20.88 6.87
CA ASP A 343 -2.14 21.08 8.02
C ASP A 343 -3.58 21.27 7.58
N GLU A 344 -3.75 21.95 6.44
CA GLU A 344 -5.08 22.26 5.92
CA GLU A 344 -5.09 22.23 5.91
C GLU A 344 -5.17 21.77 4.47
N MET A 345 -5.76 20.59 4.27
CA MET A 345 -5.85 19.98 2.94
C MET A 345 -6.70 20.78 1.95
N CYS A 346 -7.88 21.22 2.37
CA CYS A 346 -8.77 22.00 1.48
C CYS A 346 -8.08 23.26 1.00
N SER A 347 -7.44 23.97 1.94
CA SER A 347 -6.73 25.21 1.60
C SER A 347 -5.59 24.93 0.64
N GLU A 348 -4.91 23.81 0.82
CA GLU A 348 -3.77 23.47 -0.04
C GLU A 348 -4.21 23.19 -1.47
N ILE A 349 -5.31 22.43 -1.61
CA ILE A 349 -5.89 22.15 -2.91
C ILE A 349 -6.30 23.46 -3.58
N GLN A 350 -6.97 24.33 -2.81
CA GLN A 350 -7.41 25.63 -3.35
C GLN A 350 -6.26 26.49 -3.80
N ALA A 351 -5.17 26.51 -3.02
CA ALA A 351 -3.98 27.28 -3.34
C ALA A 351 -3.36 26.77 -4.63
N ALA A 352 -3.24 25.45 -4.74
CA ALA A 352 -2.70 24.83 -5.96
C ALA A 352 -3.50 25.23 -7.20
N CYS A 353 -4.82 25.20 -7.10
CA CYS A 353 -5.68 25.59 -8.23
C CYS A 353 -5.52 27.06 -8.65
N ARG A 354 -5.50 27.93 -7.64
CA ARG A 354 -5.34 29.37 -7.83
CA ARG A 354 -5.36 29.37 -7.86
C ARG A 354 -4.00 29.67 -8.51
N GLU A 355 -2.94 28.97 -8.07
CA GLU A 355 -1.61 29.15 -8.64
C GLU A 355 -1.59 28.84 -10.14
N MET A 356 -2.49 27.96 -10.58
CA MET A 356 -2.56 27.54 -11.98
CA MET A 356 -2.58 27.51 -11.97
C MET A 356 -3.63 28.29 -12.79
N ALA A 357 -4.10 29.41 -12.24
CA ALA A 357 -5.09 30.28 -12.90
C ALA A 357 -6.46 29.63 -13.12
N GLN A 358 -6.73 28.58 -12.37
CA GLN A 358 -7.99 27.86 -12.48
C GLN A 358 -9.03 28.39 -11.50
N PRO A 359 -10.30 28.12 -11.81
CA PRO A 359 -11.35 28.37 -10.84
C PRO A 359 -11.03 27.62 -9.53
N ILE A 360 -11.59 28.10 -8.43
CA ILE A 360 -11.30 27.54 -7.12
CA ILE A 360 -11.30 27.56 -7.11
C ILE A 360 -12.38 26.55 -6.70
N PRO A 361 -11.98 25.29 -6.39
CA PRO A 361 -12.98 24.33 -5.92
C PRO A 361 -13.32 24.59 -4.45
N GLU A 362 -14.58 24.88 -4.15
CA GLU A 362 -14.95 25.35 -2.81
C GLU A 362 -16.04 24.53 -2.12
N SER A 363 -17.04 24.07 -2.87
CA SER A 363 -18.04 23.19 -2.26
C SER A 363 -17.39 21.83 -1.97
N ASP A 364 -18.04 21.04 -1.12
CA ASP A 364 -17.61 19.68 -0.85
C ASP A 364 -17.45 18.90 -2.16
N ALA A 365 -18.49 19.00 -3.00
CA ALA A 365 -18.51 18.22 -4.22
C ALA A 365 -17.41 18.73 -5.16
N GLU A 366 -17.13 20.03 -5.15
CA GLU A 366 -16.06 20.56 -6.01
C GLU A 366 -14.70 20.05 -5.58
N LEU A 367 -14.47 20.01 -4.28
CA LEU A 367 -13.18 19.49 -3.77
C LEU A 367 -13.03 18.04 -4.18
N ALA A 368 -14.10 17.27 -4.02
CA ALA A 368 -14.10 15.86 -4.43
C ALA A 368 -13.87 15.73 -5.93
N ARG A 369 -14.54 16.57 -6.70
CA ARG A 369 -14.40 16.59 -8.17
C ARG A 369 -12.95 16.82 -8.60
N CYS A 370 -12.32 17.83 -8.01
CA CYS A 370 -10.92 18.17 -8.27
C CYS A 370 -10.05 16.92 -8.00
N ILE A 371 -10.29 16.32 -6.86
CA ILE A 371 -9.49 15.14 -6.46
C ILE A 371 -9.65 14.00 -7.48
N PHE A 372 -10.90 13.66 -7.82
CA PHE A 372 -11.19 12.52 -8.71
C PHE A 372 -10.66 12.75 -10.13
N ASP A 373 -10.90 13.94 -10.69
CA ASP A 373 -10.38 14.24 -12.05
C ASP A 373 -8.85 14.27 -12.07
N SER A 374 -8.25 14.85 -11.03
CA SER A 374 -6.79 14.98 -10.91
C SER A 374 -6.13 13.61 -10.76
N LEU A 375 -6.75 12.74 -9.97
CA LEU A 375 -6.29 11.35 -9.86
C LEU A 375 -6.39 10.63 -11.19
N ALA A 376 -7.53 10.77 -11.87
CA ALA A 376 -7.76 10.05 -13.12
C ALA A 376 -6.76 10.49 -14.21
N LEU A 377 -6.43 11.77 -14.26
CA LEU A 377 -5.43 12.23 -15.23
C LEU A 377 -4.05 11.66 -14.91
N LEU A 378 -3.73 11.66 -13.62
CA LEU A 378 -2.47 11.04 -13.19
C LEU A 378 -2.42 9.51 -13.46
N TYR A 379 -3.54 8.83 -13.24
CA TYR A 379 -3.67 7.42 -13.62
C TYR A 379 -3.30 7.20 -15.09
N ALA A 380 -3.87 8.03 -15.96
CA ALA A 380 -3.58 7.92 -17.40
C ALA A 380 -2.11 8.19 -17.71
N ASP A 381 -1.54 9.16 -17.01
CA ASP A 381 -0.13 9.52 -17.23
C ASP A 381 0.76 8.34 -16.87
N VAL A 382 0.53 7.79 -15.69
CA VAL A 382 1.35 6.68 -15.19
C VAL A 382 1.17 5.41 -16.01
N LEU A 383 -0.08 5.09 -16.38
CA LEU A 383 -0.31 3.89 -17.18
C LEU A 383 0.44 3.99 -18.52
N HIS A 384 0.45 5.19 -19.09
CA HIS A 384 1.22 5.45 -20.32
C HIS A 384 2.73 5.23 -20.08
N GLU A 385 3.24 5.78 -18.98
CA GLU A 385 4.67 5.67 -18.63
C GLU A 385 5.06 4.20 -18.48
N LEU A 386 4.19 3.42 -17.85
CA LEU A 386 4.50 2.01 -17.60
C LEU A 386 4.55 1.21 -18.90
N ALA A 387 3.55 1.44 -19.76
CA ALA A 387 3.47 0.77 -21.07
C ALA A 387 4.69 1.11 -21.92
N GLN A 388 5.05 2.39 -21.94
CA GLN A 388 6.20 2.88 -22.70
C GLN A 388 7.48 2.23 -22.16
N LEU A 389 7.58 2.13 -20.83
CA LEU A 389 8.75 1.55 -20.18
C LEU A 389 9.00 0.08 -20.56
N ARG A 390 7.96 -0.74 -20.48
CA ARG A 390 8.07 -2.18 -20.74
C ARG A 390 7.96 -2.52 -22.24
N GLY A 391 7.48 -1.58 -23.04
CA GLY A 391 7.30 -1.84 -24.48
C GLY A 391 6.11 -2.76 -24.75
N GLU A 392 5.08 -2.64 -23.92
CA GLU A 392 3.87 -3.42 -24.11
C GLU A 392 2.68 -2.72 -23.49
N ASP A 393 1.66 -2.50 -24.32
CA ASP A 393 0.35 -2.00 -23.93
C ASP A 393 -0.38 -2.89 -22.91
N PHE A 394 -1.41 -2.33 -22.27
CA PHE A 394 -2.34 -3.08 -21.42
C PHE A 394 -3.74 -3.13 -22.04
N SER A 395 -4.43 -4.25 -21.87
CA SER A 395 -5.81 -4.38 -22.38
C SER A 395 -6.85 -4.22 -21.27
N GLN A 396 -6.44 -4.47 -20.03
CA GLN A 396 -7.34 -4.30 -18.89
C GLN A 396 -6.58 -3.71 -17.71
N LEU A 397 -7.27 -2.87 -16.94
CA LEU A 397 -6.76 -2.36 -15.67
C LEU A 397 -7.65 -2.89 -14.53
N HIS A 398 -7.04 -3.59 -13.57
CA HIS A 398 -7.77 -4.09 -12.41
C HIS A 398 -7.66 -3.15 -11.24
N ILE A 399 -8.79 -2.55 -10.85
CA ILE A 399 -8.84 -1.68 -9.69
C ILE A 399 -9.36 -2.52 -8.53
N VAL A 400 -8.58 -2.56 -7.47
CA VAL A 400 -8.89 -3.32 -6.25
C VAL A 400 -8.76 -2.38 -5.05
N GLY A 401 -9.19 -2.84 -3.87
CA GLY A 401 -9.11 -1.99 -2.66
C GLY A 401 -10.39 -1.24 -2.36
N GLY A 402 -10.44 -0.54 -1.23
CA GLY A 402 -11.64 0.23 -0.90
C GLY A 402 -12.04 1.19 -1.99
N GLY A 403 -11.04 1.75 -2.68
CA GLY A 403 -11.26 2.74 -3.73
C GLY A 403 -12.04 2.19 -4.92
N CYS A 404 -11.99 0.86 -5.11
CA CYS A 404 -12.70 0.24 -6.22
C CYS A 404 -14.22 0.26 -6.06
N GLN A 405 -14.69 0.70 -4.88
CA GLN A 405 -16.11 0.94 -4.63
C GLN A 405 -16.61 2.29 -5.16
N ASN A 406 -15.67 3.13 -5.58
CA ASN A 406 -15.99 4.46 -6.10
C ASN A 406 -16.27 4.32 -7.58
N THR A 407 -17.54 4.19 -7.94
CA THR A 407 -17.91 3.88 -9.32
C THR A 407 -17.62 5.07 -10.24
N LEU A 408 -17.69 6.28 -9.67
CA LEU A 408 -17.36 7.47 -10.41
C LEU A 408 -15.88 7.46 -10.82
N LEU A 409 -15.00 7.20 -9.86
CA LEU A 409 -13.58 7.19 -10.14
C LEU A 409 -13.20 6.01 -11.03
N ASN A 410 -13.87 4.87 -10.87
CA ASN A 410 -13.64 3.73 -11.77
C ASN A 410 -13.87 4.13 -13.23
N GLN A 411 -14.98 4.82 -13.50
CA GLN A 411 -15.31 5.21 -14.86
C GLN A 411 -14.42 6.32 -15.37
N LEU A 412 -14.00 7.23 -14.50
CA LEU A 412 -13.10 8.30 -14.89
C LEU A 412 -11.76 7.71 -15.29
N CYS A 413 -11.31 6.72 -14.52
CA CYS A 413 -10.06 6.05 -14.81
C CYS A 413 -10.13 5.35 -16.18
N ALA A 414 -11.20 4.59 -16.41
CA ALA A 414 -11.37 3.90 -17.70
C ALA A 414 -11.34 4.89 -18.87
N ASP A 415 -12.05 6.00 -18.70
CA ASP A 415 -12.22 7.02 -19.73
C ASP A 415 -10.92 7.78 -20.00
N ALA A 416 -10.24 8.19 -18.94
CA ALA A 416 -8.96 8.92 -19.05
C ALA A 416 -7.88 8.02 -19.67
N CYS A 417 -7.85 6.76 -19.23
CA CYS A 417 -6.83 5.83 -19.69
C CYS A 417 -7.19 5.22 -21.05
N GLY A 418 -8.47 5.28 -21.41
CA GLY A 418 -8.93 4.65 -22.66
C GLY A 418 -8.78 3.14 -22.61
N ILE A 419 -9.06 2.56 -21.44
CA ILE A 419 -8.83 1.15 -21.19
C ILE A 419 -10.02 0.56 -20.43
N ARG A 420 -10.32 -0.71 -20.69
CA ARG A 420 -11.27 -1.46 -19.90
C ARG A 420 -10.77 -1.57 -18.45
N VAL A 421 -11.65 -1.20 -17.53
CA VAL A 421 -11.42 -1.29 -16.09
C VAL A 421 -12.26 -2.43 -15.53
N ILE A 422 -11.63 -3.27 -14.72
CA ILE A 422 -12.34 -4.31 -13.99
C ILE A 422 -12.16 -4.05 -12.50
N ALA A 423 -13.25 -3.76 -11.81
CA ALA A 423 -13.20 -3.45 -10.38
C ALA A 423 -13.48 -4.65 -9.50
N GLY A 424 -12.58 -4.90 -8.53
CA GLY A 424 -12.80 -5.93 -7.54
C GLY A 424 -11.66 -6.93 -7.53
N PRO A 425 -11.46 -7.63 -6.41
CA PRO A 425 -12.20 -7.58 -5.16
C PRO A 425 -11.88 -6.33 -4.33
N VAL A 426 -12.81 -6.00 -3.44
CA VAL A 426 -12.62 -4.86 -2.54
C VAL A 426 -11.44 -5.13 -1.61
N GLU A 427 -11.52 -6.21 -0.84
CA GLU A 427 -10.53 -6.51 0.19
C GLU A 427 -9.42 -7.39 -0.39
N ALA A 428 -8.72 -6.83 -1.39
CA ALA A 428 -7.67 -7.55 -2.09
C ALA A 428 -6.49 -7.90 -1.19
N SER A 429 -6.08 -6.96 -0.33
CA SER A 429 -4.96 -7.25 0.61
C SER A 429 -5.27 -8.42 1.53
N THR A 430 -6.48 -8.43 2.09
CA THR A 430 -6.91 -9.54 2.92
C THR A 430 -6.83 -10.86 2.14
N LEU A 431 -7.39 -10.85 0.93
CA LEU A 431 -7.41 -12.06 0.09
C LEU A 431 -6.01 -12.58 -0.28
N GLY A 432 -5.09 -11.69 -0.62
CA GLY A 432 -3.71 -12.14 -0.97
C GLY A 432 -2.99 -12.69 0.26
N ASN A 433 -3.29 -12.10 1.41
CA ASN A 433 -2.77 -12.58 2.70
C ASN A 433 -3.25 -14.03 2.93
N ILE A 434 -4.55 -14.25 2.75
CA ILE A 434 -5.11 -15.60 2.84
C ILE A 434 -4.47 -16.54 1.83
N GLY A 435 -4.25 -16.04 0.62
CA GLY A 435 -3.67 -16.89 -0.42
C GLY A 435 -2.34 -17.52 -0.03
N ILE A 436 -1.43 -16.71 0.50
CA ILE A 436 -0.11 -17.24 0.86
C ILE A 436 -0.24 -18.26 2.00
N GLN A 437 -1.14 -17.98 2.93
CA GLN A 437 -1.39 -18.94 4.02
C GLN A 437 -1.82 -20.30 3.45
N LEU A 438 -2.72 -20.29 2.48
CA LEU A 438 -3.21 -21.54 1.87
C LEU A 438 -2.07 -22.29 1.19
N MET A 439 -1.15 -21.53 0.59
CA MET A 439 0.03 -22.13 -0.05
C MET A 439 0.94 -22.85 0.95
N THR A 440 1.10 -22.29 2.14
CA THR A 440 1.92 -22.91 3.19
C THR A 440 1.20 -24.14 3.77
N LEU A 441 -0.12 -24.12 3.74
CA LEU A 441 -0.93 -25.26 4.14
C LEU A 441 -1.09 -26.37 3.08
N ASP A 442 -0.45 -26.17 1.92
CA ASP A 442 -0.51 -27.13 0.80
C ASP A 442 -1.94 -27.27 0.26
N GLU A 443 -2.66 -26.15 0.23
CA GLU A 443 -4.06 -26.11 -0.19
C GLU A 443 -4.21 -25.37 -1.50
N LEU A 444 -3.13 -24.76 -1.96
CA LEU A 444 -3.10 -23.92 -3.14
C LEU A 444 -1.68 -23.93 -3.67
N ASN A 445 -1.49 -23.96 -4.99
CA ASN A 445 -0.14 -24.19 -5.57
C ASN A 445 0.68 -22.96 -5.92
N ASN A 446 0.01 -21.88 -6.31
CA ASN A 446 0.71 -20.66 -6.71
C ASN A 446 -0.25 -19.48 -6.82
N VAL A 447 0.30 -18.31 -7.15
CA VAL A 447 -0.48 -17.08 -7.27
C VAL A 447 -1.45 -17.16 -8.45
N ASP A 448 -1.00 -17.68 -9.60
CA ASP A 448 -1.89 -17.77 -10.76
C ASP A 448 -3.16 -18.59 -10.45
N ASP A 449 -2.98 -19.72 -9.76
CA ASP A 449 -4.12 -20.57 -9.36
C ASP A 449 -5.04 -19.80 -8.41
N PHE A 450 -4.44 -19.04 -7.50
CA PHE A 450 -5.24 -18.25 -6.59
C PHE A 450 -6.08 -17.18 -7.32
N ARG A 451 -5.49 -16.53 -8.31
CA ARG A 451 -6.21 -15.53 -9.09
C ARG A 451 -7.41 -16.15 -9.84
N GLN A 452 -7.27 -17.41 -10.26
CA GLN A 452 -8.42 -18.13 -10.87
C GLN A 452 -9.54 -18.31 -9.83
N VAL A 453 -9.19 -18.61 -8.58
CA VAL A 453 -10.19 -18.67 -7.49
C VAL A 453 -10.88 -17.32 -7.29
N VAL A 454 -10.08 -16.27 -7.17
CA VAL A 454 -10.64 -14.92 -6.97
C VAL A 454 -11.61 -14.57 -8.10
N SER A 455 -11.20 -14.86 -9.33
CA SER A 455 -11.99 -14.45 -10.48
C SER A 455 -13.33 -15.20 -10.61
N THR A 456 -13.44 -16.36 -9.97
CA THR A 456 -14.70 -17.14 -10.00
C THR A 456 -15.49 -17.01 -8.70
N THR A 457 -14.94 -16.23 -7.77
CA THR A 457 -15.51 -16.06 -6.43
C THR A 457 -15.96 -14.61 -6.19
N ALA A 458 -15.07 -13.65 -6.40
CA ALA A 458 -15.33 -12.24 -6.14
C ALA A 458 -16.29 -11.56 -7.12
N ASN A 459 -16.92 -10.48 -6.66
CA ASN A 459 -17.73 -9.61 -7.51
C ASN A 459 -16.83 -8.75 -8.39
N LEU A 460 -16.92 -8.92 -9.69
CA LEU A 460 -16.12 -8.10 -10.60
C LEU A 460 -17.02 -7.30 -11.50
N THR A 461 -16.76 -6.01 -11.55
CA THR A 461 -17.55 -5.07 -12.34
C THR A 461 -16.70 -4.45 -13.47
N THR A 462 -17.22 -4.51 -14.69
CA THR A 462 -16.55 -3.99 -15.87
C THR A 462 -16.99 -2.55 -16.18
N PHE A 463 -16.01 -1.66 -16.32
CA PHE A 463 -16.23 -0.29 -16.78
C PHE A 463 -15.57 -0.18 -18.13
N THR A 464 -16.39 0.11 -19.14
CA THR A 464 -15.94 0.20 -20.51
C THR A 464 -15.55 1.65 -20.80
N PRO A 465 -14.39 1.89 -21.44
CA PRO A 465 -14.01 3.29 -21.74
C PRO A 465 -14.99 3.98 -22.68
N ASN A 466 -15.31 5.23 -22.36
CA ASN A 466 -16.25 6.04 -23.15
C ASN A 466 -15.47 7.14 -23.86
N PRO A 467 -15.35 7.04 -25.21
CA PRO A 467 -14.51 8.00 -25.94
C PRO A 467 -15.08 9.42 -25.98
N ASP A 468 -16.37 9.53 -25.65
CA ASP A 468 -17.12 10.77 -25.78
C ASP A 468 -17.38 11.45 -24.44
N SER A 469 -16.73 10.94 -23.40
CA SER A 469 -16.87 11.49 -22.05
CA SER A 469 -16.90 11.52 -22.05
C SER A 469 -16.14 12.83 -21.93
N GLU A 470 -16.52 13.63 -20.95
CA GLU A 470 -15.84 14.90 -20.68
C GLU A 470 -14.33 14.69 -20.49
N ILE A 471 -13.94 13.74 -19.63
CA ILE A 471 -12.50 13.54 -19.37
C ILE A 471 -11.79 12.93 -20.57
N ALA A 472 -12.48 12.09 -21.35
CA ALA A 472 -11.90 11.57 -22.59
C ALA A 472 -11.62 12.70 -23.58
N HIS A 473 -12.56 13.63 -23.69
CA HIS A 473 -12.43 14.79 -24.57
C HIS A 473 -11.29 15.68 -24.10
N TYR A 474 -11.20 15.85 -22.77
CA TYR A 474 -10.11 16.62 -22.16
C TYR A 474 -8.74 16.02 -22.49
N VAL A 475 -8.61 14.69 -22.32
CA VAL A 475 -7.35 13.98 -22.57
C VAL A 475 -6.94 14.02 -24.05
N ALA A 476 -7.92 13.90 -24.93
CA ALA A 476 -7.71 14.02 -26.37
C ALA A 476 -7.08 15.36 -26.73
N LEU A 477 -7.59 16.43 -26.12
CA LEU A 477 -7.13 17.80 -26.38
C LEU A 477 -5.68 18.04 -25.91
N ILE A 478 -5.34 17.51 -24.74
CA ILE A 478 -3.97 17.63 -24.20
C ILE A 478 -2.97 16.61 -24.77
N HIS A 479 -3.26 16.09 -25.96
CA HIS A 479 -2.32 15.23 -26.68
C HIS A 479 -1.76 15.98 -27.88
N SER A 480 -2.62 16.69 -28.61
CA SER A 480 -2.20 17.54 -29.71
C SER A 480 -2.67 18.98 -29.52
C1 LRH B . -0.14 1.45 0.99
C2 LRH B . 1.38 1.53 1.20
C3 LRH B . 2.16 1.88 -0.06
C4 LRH B . 3.41 2.45 0.58
C5 LRH B . 2.80 3.31 1.69
C6 LRH B . 3.74 3.57 2.88
O1 LRH B . -0.80 1.15 2.22
O2 LRH B . 1.80 0.26 1.76
O3 LRH B . 2.35 0.73 -0.93
O4 LRH B . 4.17 3.25 -0.32
O5 LRH B . 1.65 2.57 2.16
PB ADP C . -6.24 1.61 3.27
O1B ADP C . -6.18 0.16 3.60
O2B ADP C . -5.20 2.04 2.29
O3B ADP C . -6.36 2.55 4.44
PA ADP C . -8.74 0.92 1.82
O1A ADP C . -8.25 -0.03 0.72
O2A ADP C . -9.46 0.24 2.97
O3A ADP C . -7.57 1.88 2.36
O5' ADP C . -9.66 2.03 1.09
C5' ADP C . -10.29 3.04 1.89
C4' ADP C . -10.89 4.04 0.91
O4' ADP C . -11.94 3.38 0.22
C3' ADP C . -11.59 5.15 1.65
O3' ADP C . -10.66 6.20 1.85
C2' ADP C . -12.63 5.58 0.63
O2' ADP C . -12.12 6.55 -0.24
C1' ADP C . -12.92 4.32 -0.16
N9 ADP C . -14.26 3.80 0.20
C8 ADP C . -14.61 3.14 1.33
N7 ADP C . -15.92 2.81 1.30
C5 ADP C . -16.43 3.28 0.13
C6 ADP C . -17.75 3.28 -0.53
N6 ADP C . -18.80 2.69 0.10
N1 ADP C . -17.83 3.88 -1.74
C2 ADP C . -16.78 4.47 -2.35
N3 ADP C . -15.54 4.49 -1.81
C4 ADP C . -15.33 3.93 -0.59
#